data_4F6V
#
_entry.id   4F6V
#
_cell.length_a   80.712
_cell.length_b   80.712
_cell.length_c   90.864
_cell.angle_alpha   90.00
_cell.angle_beta   90.00
_cell.angle_gamma   120.00
#
_symmetry.space_group_name_H-M   'P 32 2 1'
#
loop_
_entity.id
_entity.type
_entity.pdbx_description
1 polymer 'Dehydrosqualene synthase'
2 non-polymer '2,4-dioxo-4-{[3-(3-phenoxyphenyl)propyl]amino}butanoic acid'
3 non-polymer 'S,R MESO-TARTARIC ACID'
4 non-polymer '(2E,6Z)-3,7,11-trimethyldodeca-2,6,10-trien-1-yl dihydrogen phosphate'
5 non-polymer 'MAGNESIUM ION'
6 water water
#
_entity_poly.entity_id   1
_entity_poly.type   'polypeptide(L)'
_entity_poly.pdbx_seq_one_letter_code
;AAAAAMTMMDMNFKYCHKIMKKHSKSFSYAFDLLPEDQRKAVWAIYAVCRKIDDSIDVYGDIQFLNQIKEDIQSIEKYPY
EYHHFQSDRRIMMALQHVAQHKNIAFQSFYNLIDTVYKDQHFTMFETDAELFGYCYGVAGTVGEVLTPILSDHETHQTYD
VARRLGESLQLINILRDVGEDFENERIYFSKQRLKQYEVDIAEVYQNGVNNHYIDLWEYYAAIAEKDFRDVMDQIKVFSI
EAQPIIELAARIYIEILDEVRQANYTLHERVFVEKRKKAKLFHEINSKYHRI
;
_entity_poly.pdbx_strand_id   A
#
loop_
_chem_comp.id
_chem_comp.type
_chem_comp.name
_chem_comp.formula
FJP non-polymer '(2E,6Z)-3,7,11-trimethyldodeca-2,6,10-trien-1-yl dihydrogen phosphate' 'C15 H27 O4 P'
MG non-polymer 'MAGNESIUM ION' 'Mg 2'
SRT non-polymer 'S,R MESO-TARTARIC ACID' 'C4 H6 O6'
ZYM non-polymer '2,4-dioxo-4-{[3-(3-phenoxyphenyl)propyl]amino}butanoic acid' 'C19 H19 N O5'
#
# COMPACT_ATOMS: atom_id res chain seq x y z
N MET A 6 -5.31 29.96 -6.09
CA MET A 6 -4.54 28.75 -5.68
C MET A 6 -3.21 29.13 -5.04
N THR A 7 -3.10 28.93 -3.72
CA THR A 7 -1.85 29.17 -3.00
C THR A 7 -0.76 28.19 -3.42
N MET A 8 0.46 28.42 -2.92
CA MET A 8 1.58 27.52 -3.19
C MET A 8 1.37 26.16 -2.52
N MET A 9 1.09 26.18 -1.22
CA MET A 9 0.73 24.96 -0.52
C MET A 9 -0.27 24.12 -1.33
N ASP A 10 -1.26 24.79 -1.92
CA ASP A 10 -2.25 24.08 -2.74
C ASP A 10 -1.56 23.38 -3.89
N MET A 11 -0.61 24.06 -4.51
CA MET A 11 0.13 23.52 -5.63
C MET A 11 0.93 22.29 -5.22
N ASN A 12 1.52 22.34 -4.02
CA ASN A 12 2.21 21.19 -3.46
C ASN A 12 1.30 19.97 -3.34
N PHE A 13 0.09 20.18 -2.82
CA PHE A 13 -0.86 19.09 -2.64
C PHE A 13 -1.41 18.59 -3.97
N LYS A 14 -1.57 19.50 -4.92
CA LYS A 14 -2.11 19.13 -6.23
C LYS A 14 -1.11 18.23 -6.97
N TYR A 15 0.16 18.49 -6.78
CA TYR A 15 1.22 17.62 -7.28
C TYR A 15 1.16 16.23 -6.64
N CYS A 16 1.04 16.19 -5.31
CA CYS A 16 0.87 14.93 -4.60
C CYS A 16 -0.31 14.14 -5.15
N HIS A 17 -1.45 14.82 -5.29
CA HIS A 17 -2.64 14.22 -5.90
C HIS A 17 -2.34 13.60 -7.26
N LYS A 18 -1.76 14.40 -8.15
CA LYS A 18 -1.37 13.94 -9.47
C LYS A 18 -0.56 12.64 -9.41
N ILE A 19 0.36 12.55 -8.45
CA ILE A 19 1.15 11.33 -8.30
C ILE A 19 0.26 10.16 -7.89
N MET A 20 -0.69 10.42 -6.99
CA MET A 20 -1.59 9.36 -6.53
C MET A 20 -2.55 8.89 -7.63
N LYS A 21 -3.14 9.82 -8.36
CA LYS A 21 -3.99 9.49 -9.51
C LYS A 21 -3.23 8.69 -10.56
N LYS A 22 -2.01 9.13 -10.87
CA LYS A 22 -1.19 8.46 -11.86
C LYS A 22 -0.91 7.01 -11.48
N HIS A 23 -0.57 6.78 -10.21
CA HIS A 23 0.07 5.53 -9.81
C HIS A 23 -0.87 4.50 -9.19
N SER A 24 -1.89 4.96 -8.46
CA SER A 24 -2.90 4.06 -7.92
C SER A 24 -4.33 4.51 -8.21
N LYS A 25 -4.94 3.90 -9.22
CA LYS A 25 -6.30 4.23 -9.61
C LYS A 25 -7.36 3.83 -8.57
N SER A 26 -7.10 2.72 -7.88
CA SER A 26 -8.04 2.23 -6.88
C SER A 26 -8.08 3.10 -5.63
N PHE A 27 -6.90 3.39 -5.09
CA PHE A 27 -6.81 4.20 -3.86
C PHE A 27 -7.15 5.66 -4.11
N SER A 28 -6.72 6.18 -5.26
CA SER A 28 -7.13 7.52 -5.67
C SER A 28 -8.65 7.61 -5.78
N TYR A 29 -9.24 6.68 -6.53
CA TYR A 29 -10.69 6.61 -6.67
C TYR A 29 -11.39 6.71 -5.31
N ALA A 30 -10.95 5.89 -4.36
CA ALA A 30 -11.61 5.86 -3.05
C ALA A 30 -11.33 7.10 -2.22
N PHE A 31 -10.05 7.45 -2.07
CA PHE A 31 -9.64 8.40 -1.04
C PHE A 31 -9.93 9.85 -1.43
N ASP A 32 -10.15 10.11 -2.71
CA ASP A 32 -10.56 11.42 -3.16
C ASP A 32 -11.98 11.77 -2.70
N LEU A 33 -12.67 10.79 -2.13
CA LEU A 33 -14.02 11.02 -1.62
C LEU A 33 -14.03 11.50 -0.17
N LEU A 34 -12.85 11.53 0.46
CA LEU A 34 -12.73 12.04 1.83
C LEU A 34 -13.00 13.55 1.88
N PRO A 35 -13.24 14.09 3.08
CA PRO A 35 -13.25 15.54 3.24
C PRO A 35 -11.91 16.16 2.83
N GLU A 36 -11.96 17.41 2.39
CA GLU A 36 -10.79 18.09 1.83
C GLU A 36 -9.52 17.89 2.65
N ASP A 37 -9.61 18.12 3.95
CA ASP A 37 -8.42 18.15 4.79
C ASP A 37 -7.76 16.79 4.91
N GLN A 38 -8.58 15.74 4.95
CA GLN A 38 -8.06 14.39 5.09
C GLN A 38 -7.58 13.85 3.75
N ARG A 39 -8.38 14.07 2.72
CA ARG A 39 -7.99 13.92 1.32
C ARG A 39 -6.53 14.29 1.11
N LYS A 40 -6.21 15.53 1.43
CA LYS A 40 -4.94 16.12 1.07
C LYS A 40 -3.80 15.51 1.89
N ALA A 41 -4.06 15.30 3.18
CA ALA A 41 -3.14 14.53 4.04
C ALA A 41 -2.80 13.17 3.45
N VAL A 42 -3.80 12.51 2.86
CA VAL A 42 -3.57 11.21 2.22
C VAL A 42 -2.76 11.31 0.93
N TRP A 43 -3.06 12.30 0.09
CA TRP A 43 -2.25 12.57 -1.11
C TRP A 43 -0.77 12.65 -0.76
N ALA A 44 -0.47 13.40 0.29
CA ALA A 44 0.91 13.71 0.67
C ALA A 44 1.64 12.49 1.22
N ILE A 45 0.97 11.74 2.10
CA ILE A 45 1.54 10.51 2.65
C ILE A 45 1.76 9.47 1.55
N TYR A 46 0.80 9.37 0.65
CA TYR A 46 0.95 8.54 -0.53
C TYR A 46 2.17 8.94 -1.36
N ALA A 47 2.29 10.23 -1.65
CA ALA A 47 3.33 10.70 -2.57
C ALA A 47 4.71 10.46 -1.98
N VAL A 48 4.86 10.69 -0.69
CA VAL A 48 6.08 10.37 0.03
C VAL A 48 6.43 8.89 -0.13
N CYS A 49 5.46 8.03 0.16
CA CYS A 49 5.69 6.58 0.10
C CYS A 49 5.97 6.13 -1.32
N ARG A 50 5.35 6.78 -2.29
CA ARG A 50 5.64 6.49 -3.69
C ARG A 50 7.09 6.84 -4.04
N LYS A 51 7.55 8.00 -3.60
CA LYS A 51 8.90 8.44 -3.93
C LYS A 51 9.94 7.52 -3.31
N ILE A 52 9.69 7.11 -2.06
CA ILE A 52 10.55 6.14 -1.38
C ILE A 52 10.60 4.84 -2.18
N ASP A 53 9.44 4.36 -2.60
CA ASP A 53 9.36 3.08 -3.31
C ASP A 53 10.07 3.14 -4.66
N ASP A 54 10.18 4.34 -5.22
CA ASP A 54 10.75 4.51 -6.56
C ASP A 54 12.19 5.01 -6.53
N SER A 55 12.74 5.21 -5.33
CA SER A 55 13.88 6.10 -5.15
C SER A 55 15.18 5.54 -5.72
N ILE A 56 15.19 4.24 -6.00
CA ILE A 56 16.43 3.53 -6.27
C ILE A 56 16.80 3.57 -7.75
N ASP A 57 15.80 3.34 -8.60
CA ASP A 57 15.74 3.90 -9.95
C ASP A 57 16.77 5.01 -10.18
N ASP A 61 21.17 3.70 -7.21
CA ASP A 61 21.90 4.33 -6.12
C ASP A 61 21.03 4.64 -4.92
N ILE A 62 21.58 4.53 -3.73
CA ILE A 62 20.82 4.93 -2.58
C ILE A 62 20.76 6.43 -2.43
N GLN A 63 21.28 7.14 -3.41
CA GLN A 63 21.40 8.58 -3.34
C GLN A 63 20.15 9.30 -2.89
N PHE A 64 19.14 9.28 -3.74
CA PHE A 64 17.88 9.92 -3.49
C PHE A 64 17.20 9.48 -2.21
N LEU A 65 17.35 8.21 -1.88
CA LEU A 65 16.68 7.65 -0.72
C LEU A 65 17.21 8.21 0.60
N ASN A 66 18.53 8.40 0.69
CA ASN A 66 19.13 9.08 1.84
C ASN A 66 18.61 10.50 2.02
N GLN A 67 18.42 11.20 0.90
CA GLN A 67 17.93 12.56 0.94
C GLN A 67 16.49 12.63 1.45
N ILE A 68 15.64 11.73 0.96
CA ILE A 68 14.26 11.63 1.43
C ILE A 68 14.24 11.44 2.95
N LYS A 69 15.03 10.50 3.42
CA LYS A 69 15.05 10.15 4.85
C LYS A 69 15.53 11.33 5.69
N GLU A 70 16.51 12.07 5.19
CA GLU A 70 17.01 13.26 5.88
C GLU A 70 15.95 14.35 5.92
N ASP A 71 15.28 14.56 4.79
CA ASP A 71 14.12 15.43 4.77
C ASP A 71 13.10 15.04 5.83
N ILE A 72 12.77 13.76 5.87
CA ILE A 72 11.75 13.29 6.81
C ILE A 72 12.23 13.51 8.24
N GLN A 73 13.53 13.38 8.43
CA GLN A 73 14.15 13.54 9.75
C GLN A 73 14.21 15.02 10.17
N SER A 74 14.44 15.91 9.22
CA SER A 74 14.30 17.35 9.46
C SER A 74 12.88 17.71 9.93
N ILE A 75 11.88 17.15 9.26
CA ILE A 75 10.50 17.47 9.57
C ILE A 75 10.13 16.97 10.96
N GLU A 76 10.57 15.75 11.28
CA GLU A 76 10.30 15.17 12.58
C GLU A 76 10.91 16.05 13.68
N LYS A 77 12.16 16.42 13.49
CA LYS A 77 12.93 17.07 14.54
C LYS A 77 12.56 18.55 14.67
N TYR A 78 12.23 19.18 13.55
CA TYR A 78 11.90 20.61 13.50
C TYR A 78 10.68 20.92 12.64
N PRO A 79 9.48 20.60 13.16
CA PRO A 79 8.28 20.63 12.33
C PRO A 79 7.91 22.04 11.86
N TYR A 80 8.37 23.05 12.59
CA TYR A 80 7.91 24.43 12.38
C TYR A 80 9.02 25.35 11.84
N GLU A 81 10.17 24.77 11.53
CA GLU A 81 11.24 25.52 10.87
C GLU A 81 11.18 25.36 9.35
N TYR A 82 11.66 26.37 8.64
CA TYR A 82 11.85 26.24 7.21
C TYR A 82 13.03 25.34 6.89
N HIS A 83 12.80 24.36 6.02
CA HIS A 83 13.87 23.48 5.57
C HIS A 83 14.15 23.65 4.08
N HIS A 84 15.43 23.59 3.71
CA HIS A 84 15.80 23.41 2.32
C HIS A 84 15.88 21.93 1.99
N PHE A 85 14.74 21.36 1.57
CA PHE A 85 14.62 19.93 1.39
C PHE A 85 15.54 19.41 0.28
N GLN A 86 16.08 18.22 0.47
CA GLN A 86 17.09 17.69 -0.46
C GLN A 86 16.45 16.89 -1.59
N SER A 87 15.28 16.31 -1.34
CA SER A 87 14.65 15.43 -2.32
C SER A 87 13.56 16.15 -3.13
N ASP A 88 12.30 15.79 -2.90
CA ASP A 88 11.21 16.44 -3.62
C ASP A 88 10.54 17.51 -2.76
N ARG A 89 10.83 18.77 -3.07
CA ARG A 89 10.43 19.90 -2.23
C ARG A 89 8.93 19.98 -2.06
N ARG A 90 8.19 19.81 -3.16
CA ARG A 90 6.72 19.93 -3.14
C ARG A 90 6.08 18.89 -2.22
N ILE A 91 6.61 17.67 -2.27
CA ILE A 91 6.10 16.58 -1.45
C ILE A 91 6.46 16.80 0.01
N MET A 92 7.68 17.29 0.25
CA MET A 92 8.15 17.47 1.63
C MET A 92 7.49 18.66 2.33
N MET A 93 7.20 19.71 1.58
CA MET A 93 6.47 20.86 2.11
C MET A 93 5.09 20.42 2.56
N ALA A 94 4.46 19.59 1.74
CA ALA A 94 3.12 19.12 2.01
C ALA A 94 3.11 18.20 3.22
N LEU A 95 4.13 17.36 3.35
CA LEU A 95 4.19 16.44 4.49
C LEU A 95 4.41 17.21 5.78
N GLN A 96 5.23 18.24 5.71
CA GLN A 96 5.48 19.10 6.86
C GLN A 96 4.19 19.81 7.29
N HIS A 97 3.44 20.30 6.31
CA HIS A 97 2.13 20.89 6.58
C HIS A 97 1.23 19.89 7.28
N VAL A 98 1.21 18.66 6.79
CA VAL A 98 0.42 17.62 7.43
C VAL A 98 0.86 17.37 8.88
N ALA A 99 2.17 17.30 9.09
CA ALA A 99 2.73 17.00 10.41
C ALA A 99 2.45 18.13 11.40
N GLN A 100 2.27 19.34 10.88
CA GLN A 100 1.99 20.49 11.73
C GLN A 100 0.60 20.38 12.35
N HIS A 101 -0.27 19.58 11.73
CA HIS A 101 -1.67 19.48 12.15
C HIS A 101 -1.98 18.10 12.74
N LYS A 102 -1.22 17.11 12.31
CA LYS A 102 -1.52 15.72 12.63
C LYS A 102 -0.33 15.00 13.25
N ASN A 103 -0.63 14.07 14.15
CA ASN A 103 0.40 13.19 14.70
C ASN A 103 0.90 12.19 13.65
N ILE A 104 2.15 12.35 13.22
CA ILE A 104 2.76 11.44 12.27
C ILE A 104 3.69 10.45 12.96
N ALA A 105 3.49 9.16 12.69
CA ALA A 105 4.38 8.12 13.19
C ALA A 105 5.62 8.01 12.30
N PHE A 106 6.59 8.88 12.57
CA PHE A 106 7.79 8.94 11.74
C PHE A 106 8.52 7.59 11.65
N GLN A 107 8.59 6.85 12.75
CA GLN A 107 9.29 5.58 12.74
C GLN A 107 8.69 4.61 11.72
N SER A 108 7.42 4.80 11.39
CA SER A 108 6.79 4.00 10.35
C SER A 108 7.30 4.34 8.95
N PHE A 109 7.61 5.60 8.70
CA PHE A 109 8.35 5.96 7.49
C PHE A 109 9.75 5.32 7.46
N TYR A 110 10.45 5.36 8.59
CA TYR A 110 11.78 4.77 8.63
C TYR A 110 11.75 3.26 8.44
N ASN A 111 10.68 2.62 8.91
CA ASN A 111 10.52 1.19 8.67
C ASN A 111 10.41 0.90 7.19
N LEU A 112 9.66 1.75 6.49
CA LEU A 112 9.45 1.58 5.06
C LEU A 112 10.74 1.81 4.31
N ILE A 113 11.50 2.82 4.73
CA ILE A 113 12.75 3.16 4.09
C ILE A 113 13.79 2.05 4.30
N ASP A 114 13.82 1.50 5.51
CA ASP A 114 14.72 0.38 5.80
C ASP A 114 14.40 -0.81 4.93
N THR A 115 13.12 -1.11 4.77
CA THR A 115 12.67 -2.22 3.95
C THR A 115 13.08 -2.04 2.51
N VAL A 116 13.02 -0.80 2.03
CA VAL A 116 13.43 -0.55 0.65
C VAL A 116 14.94 -0.61 0.46
N TYR A 117 15.70 -0.09 1.43
CA TYR A 117 17.14 -0.35 1.51
C TYR A 117 17.43 -1.83 1.26
N LYS A 118 16.62 -2.69 1.87
CA LYS A 118 16.97 -4.11 1.99
C LYS A 118 16.69 -4.88 0.70
N ASP A 119 15.80 -4.34 -0.14
CA ASP A 119 15.46 -5.00 -1.40
C ASP A 119 16.60 -4.91 -2.41
N GLN A 120 17.54 -4.00 -2.16
CA GLN A 120 18.80 -3.99 -2.88
C GLN A 120 19.51 -5.34 -2.83
N HIS A 121 19.79 -5.83 -1.62
CA HIS A 121 20.36 -7.17 -1.45
C HIS A 121 19.29 -8.23 -1.26
N PHE A 122 18.28 -8.22 -2.13
CA PHE A 122 17.12 -9.10 -1.96
C PHE A 122 17.49 -10.58 -2.04
N THR A 123 17.00 -11.34 -1.07
CA THR A 123 16.97 -12.79 -1.17
C THR A 123 15.59 -13.32 -0.80
N MET A 124 15.21 -14.42 -1.44
CA MET A 124 13.88 -14.98 -1.29
C MET A 124 13.57 -15.27 0.17
N PHE A 125 12.28 -15.25 0.51
CA PHE A 125 11.84 -15.53 1.87
C PHE A 125 11.83 -17.03 2.14
N GLU A 126 12.46 -17.42 3.24
CA GLU A 126 12.54 -18.83 3.62
C GLU A 126 11.18 -19.32 4.10
N THR A 127 10.49 -18.48 4.86
CA THR A 127 9.21 -18.84 5.46
C THR A 127 8.17 -17.73 5.25
N ASP A 128 6.90 -18.08 5.40
CA ASP A 128 5.82 -17.10 5.33
C ASP A 128 6.00 -15.98 6.36
N ALA A 129 6.74 -16.28 7.42
CA ALA A 129 6.92 -15.32 8.50
C ALA A 129 7.77 -14.15 8.03
N GLU A 130 8.73 -14.44 7.15
CA GLU A 130 9.52 -13.42 6.49
C GLU A 130 8.68 -12.59 5.52
N LEU A 131 7.89 -13.29 4.72
CA LEU A 131 7.03 -12.63 3.74
C LEU A 131 6.06 -11.66 4.42
N PHE A 132 5.43 -12.14 5.49
CA PHE A 132 4.53 -11.30 6.27
C PHE A 132 5.27 -10.15 6.96
N GLY A 133 6.51 -10.42 7.36
CA GLY A 133 7.39 -9.35 7.83
C GLY A 133 7.64 -8.29 6.79
N TYR A 134 7.83 -8.74 5.54
CA TYR A 134 7.97 -7.83 4.43
C TYR A 134 6.69 -7.02 4.20
N CYS A 135 5.55 -7.68 4.31
CA CYS A 135 4.27 -6.99 4.17
C CYS A 135 4.05 -5.91 5.22
N TYR A 136 4.46 -6.17 6.46
CA TYR A 136 4.47 -5.11 7.45
C TYR A 136 5.31 -3.95 6.92
N GLY A 137 6.53 -4.26 6.50
CA GLY A 137 7.54 -3.25 6.22
C GLY A 137 7.14 -2.26 5.13
N VAL A 138 6.44 -2.75 4.10
CA VAL A 138 6.12 -1.90 2.95
C VAL A 138 4.67 -1.42 2.94
N ALA A 139 3.83 -2.00 3.78
CA ALA A 139 2.42 -1.66 3.74
C ALA A 139 1.83 -1.48 5.13
N GLY A 140 2.08 -2.43 6.02
CA GLY A 140 1.65 -2.30 7.40
C GLY A 140 2.03 -0.97 8.01
N THR A 141 3.28 -0.57 7.80
CA THR A 141 3.78 0.73 8.26
C THR A 141 2.94 1.89 7.73
N VAL A 142 2.60 1.82 6.44
CA VAL A 142 1.81 2.87 5.80
C VAL A 142 0.39 2.95 6.37
N GLY A 143 -0.18 1.80 6.69
CA GLY A 143 -1.42 1.74 7.45
C GLY A 143 -1.33 2.48 8.76
N GLU A 144 -0.20 2.34 9.44
CA GLU A 144 0.03 2.99 10.73
C GLU A 144 0.15 4.52 10.57
N VAL A 145 0.89 4.95 9.56
CA VAL A 145 1.05 6.37 9.27
C VAL A 145 -0.29 7.06 9.02
N LEU A 146 -1.20 6.36 8.34
CA LEU A 146 -2.48 6.91 7.92
C LEU A 146 -3.51 6.94 9.04
N THR A 147 -3.21 6.23 10.12
CA THR A 147 -4.18 6.03 11.19
C THR A 147 -4.75 7.34 11.77
N PRO A 148 -3.86 8.26 12.21
CA PRO A 148 -4.34 9.52 12.79
C PRO A 148 -5.20 10.31 11.80
N ILE A 149 -4.89 10.21 10.51
CA ILE A 149 -5.70 10.87 9.50
C ILE A 149 -7.10 10.28 9.36
N LEU A 150 -7.24 8.96 9.49
CA LEU A 150 -8.50 8.30 9.17
C LEU A 150 -9.35 7.94 10.40
N SER A 151 -8.93 8.37 11.58
CA SER A 151 -9.69 8.09 12.80
C SER A 151 -9.63 9.24 13.79
N ASP A 152 -10.68 9.35 14.61
CA ASP A 152 -10.84 10.48 15.51
C ASP A 152 -9.97 10.31 16.75
N HIS A 153 -9.91 9.09 17.23
CA HIS A 153 -9.28 8.82 18.49
C HIS A 153 -8.52 7.52 18.36
N GLU A 154 -7.21 7.63 18.42
CA GLU A 154 -6.35 6.55 17.94
C GLU A 154 -5.88 5.69 19.10
N THR A 155 -6.12 4.40 18.99
CA THR A 155 -5.71 3.45 20.02
C THR A 155 -4.95 2.30 19.37
N HIS A 156 -4.33 1.46 20.19
CA HIS A 156 -3.61 0.32 19.66
C HIS A 156 -4.50 -0.46 18.69
N GLN A 157 -5.80 -0.45 18.96
CA GLN A 157 -6.76 -1.18 18.13
C GLN A 157 -6.88 -0.56 16.74
N THR A 158 -6.88 0.77 16.69
CA THR A 158 -6.95 1.51 15.43
C THR A 158 -5.72 1.25 14.56
N TYR A 159 -4.53 1.36 15.15
CA TYR A 159 -3.29 1.01 14.46
C TYR A 159 -3.28 -0.44 14.01
N ASP A 160 -3.69 -1.33 14.91
CA ASP A 160 -3.79 -2.75 14.59
C ASP A 160 -4.58 -3.01 13.31
N VAL A 161 -5.83 -2.54 13.28
CA VAL A 161 -6.70 -2.76 12.14
C VAL A 161 -6.14 -2.14 10.85
N ALA A 162 -5.60 -0.93 10.97
CA ALA A 162 -5.02 -0.23 9.83
C ALA A 162 -3.83 -1.01 9.28
N ARG A 163 -3.01 -1.53 10.18
CA ARG A 163 -1.78 -2.24 9.83
C ARG A 163 -2.12 -3.56 9.15
N ARG A 164 -3.10 -4.26 9.69
CA ARG A 164 -3.58 -5.51 9.09
C ARG A 164 -4.17 -5.26 7.71
N LEU A 165 -4.93 -4.19 7.56
CA LEU A 165 -5.49 -3.86 6.26
C LEU A 165 -4.37 -3.65 5.25
N GLY A 166 -3.40 -2.81 5.63
CA GLY A 166 -2.26 -2.53 4.76
C GLY A 166 -1.54 -3.80 4.32
N GLU A 167 -1.35 -4.73 5.25
CA GLU A 167 -0.58 -5.94 4.97
C GLU A 167 -1.33 -6.87 4.04
N SER A 168 -2.65 -6.86 4.16
CA SER A 168 -3.52 -7.68 3.32
C SER A 168 -3.63 -7.15 1.88
N LEU A 169 -3.73 -5.83 1.73
CA LEU A 169 -3.59 -5.19 0.43
C LEU A 169 -2.24 -5.48 -0.24
N GLN A 170 -1.15 -5.45 0.54
CA GLN A 170 0.15 -5.84 -0.01
C GLN A 170 0.15 -7.28 -0.54
N LEU A 171 -0.49 -8.19 0.19
CA LEU A 171 -0.56 -9.58 -0.24
C LEU A 171 -1.40 -9.75 -1.51
N ILE A 172 -2.52 -9.03 -1.59
CA ILE A 172 -3.31 -8.99 -2.82
C ILE A 172 -2.49 -8.46 -3.99
N ASN A 173 -1.73 -7.41 -3.73
CA ASN A 173 -0.75 -6.90 -4.67
C ASN A 173 0.22 -7.96 -5.19
N ILE A 174 0.92 -8.61 -4.27
CA ILE A 174 1.84 -9.69 -4.60
C ILE A 174 1.15 -10.74 -5.46
N LEU A 175 -0.14 -10.96 -5.21
CA LEU A 175 -0.88 -12.01 -5.88
C LEU A 175 -1.27 -11.60 -7.30
N ARG A 176 -1.30 -10.28 -7.56
CA ARG A 176 -1.64 -9.76 -8.88
C ARG A 176 -0.42 -9.83 -9.80
N ASP A 177 0.76 -9.68 -9.21
CA ASP A 177 1.94 -9.26 -9.95
C ASP A 177 2.95 -10.39 -10.02
N VAL A 178 2.52 -11.60 -9.67
CA VAL A 178 3.40 -12.76 -9.73
C VAL A 178 4.29 -12.76 -10.98
N GLY A 179 3.66 -12.64 -12.14
CA GLY A 179 4.40 -12.75 -13.41
C GLY A 179 5.34 -11.59 -13.64
N GLU A 180 4.85 -10.38 -13.39
CA GLU A 180 5.65 -9.18 -13.56
C GLU A 180 6.80 -9.13 -12.56
N ASP A 181 6.53 -9.59 -11.35
CA ASP A 181 7.58 -9.69 -10.32
C ASP A 181 8.66 -10.69 -10.72
N PHE A 182 8.24 -11.83 -11.26
CA PHE A 182 9.20 -12.80 -11.79
C PHE A 182 10.14 -12.20 -12.83
N GLU A 183 9.57 -11.55 -13.85
CA GLU A 183 10.39 -10.85 -14.84
C GLU A 183 11.44 -9.98 -14.16
N ASN A 184 11.06 -9.32 -13.07
CA ASN A 184 11.98 -8.43 -12.38
C ASN A 184 12.78 -9.16 -11.31
N GLU A 185 12.90 -10.48 -11.47
CA GLU A 185 13.79 -11.27 -10.63
C GLU A 185 13.38 -11.20 -9.17
N ARG A 186 12.09 -10.95 -8.92
CA ARG A 186 11.52 -11.12 -7.58
C ARG A 186 10.54 -12.29 -7.55
N ILE A 187 10.66 -13.13 -6.54
CA ILE A 187 9.55 -13.99 -6.12
C ILE A 187 9.22 -13.76 -4.65
N TYR A 188 7.93 -13.64 -4.35
CA TYR A 188 7.52 -13.25 -3.00
C TYR A 188 6.91 -14.38 -2.19
N PHE A 189 6.35 -15.39 -2.85
CA PHE A 189 6.03 -16.65 -2.18
C PHE A 189 7.25 -17.22 -1.44
N SER A 190 7.03 -17.81 -0.27
CA SER A 190 8.13 -18.29 0.56
C SER A 190 8.67 -19.62 0.01
N LYS A 191 9.95 -19.87 0.23
CA LYS A 191 10.56 -21.11 -0.25
C LYS A 191 9.97 -22.33 0.46
N GLN A 192 9.74 -22.20 1.76
CA GLN A 192 8.94 -23.17 2.49
C GLN A 192 7.68 -23.55 1.71
N ARG A 193 6.93 -22.55 1.26
CA ARG A 193 5.61 -22.79 0.73
C ARG A 193 5.66 -23.29 -0.71
N LEU A 194 6.65 -22.83 -1.47
CA LEU A 194 6.84 -23.30 -2.83
C LEU A 194 7.18 -24.79 -2.83
N LYS A 195 8.07 -25.19 -1.92
CA LYS A 195 8.46 -26.59 -1.79
C LYS A 195 7.28 -27.47 -1.38
N GLN A 196 6.54 -27.04 -0.37
CA GLN A 196 5.36 -27.78 0.07
C GLN A 196 4.36 -28.04 -1.05
N TYR A 197 4.07 -27.00 -1.84
CA TYR A 197 3.13 -27.13 -2.96
C TYR A 197 3.82 -27.57 -4.26
N GLU A 198 5.13 -27.77 -4.21
CA GLU A 198 5.88 -28.22 -5.37
C GLU A 198 5.68 -27.29 -6.58
N VAL A 199 5.89 -26.00 -6.36
CA VAL A 199 5.75 -25.00 -7.42
C VAL A 199 7.12 -24.43 -7.78
N ASP A 200 7.33 -24.22 -9.08
CA ASP A 200 8.53 -23.53 -9.55
C ASP A 200 8.09 -22.40 -10.47
N ILE A 201 8.31 -21.17 -10.01
CA ILE A 201 7.70 -20.01 -10.65
C ILE A 201 8.22 -19.84 -12.07
N ALA A 202 9.52 -20.08 -12.27
CA ALA A 202 10.11 -20.12 -13.60
C ALA A 202 9.32 -21.06 -14.51
N GLU A 203 9.06 -22.26 -14.01
CA GLU A 203 8.40 -23.29 -14.82
C GLU A 203 7.00 -22.86 -15.20
N VAL A 204 6.23 -22.40 -14.21
CA VAL A 204 4.89 -21.90 -14.46
C VAL A 204 4.89 -20.70 -15.40
N TYR A 205 5.88 -19.84 -15.28
CA TYR A 205 5.98 -18.67 -16.16
C TYR A 205 6.08 -19.13 -17.61
N GLN A 206 6.86 -20.18 -17.84
CA GLN A 206 7.06 -20.70 -19.20
C GLN A 206 5.91 -21.58 -19.68
N ASN A 207 5.40 -22.44 -18.79
CA ASN A 207 4.50 -23.51 -19.24
C ASN A 207 3.04 -23.24 -18.92
N GLY A 208 2.79 -22.11 -18.26
CA GLY A 208 1.43 -21.76 -17.87
C GLY A 208 1.03 -22.42 -16.56
N VAL A 209 -0.18 -22.09 -16.12
CA VAL A 209 -0.64 -22.48 -14.80
C VAL A 209 -0.70 -24.01 -14.66
N ASN A 210 -0.79 -24.48 -13.42
CA ASN A 210 -1.28 -25.83 -13.14
C ASN A 210 -2.08 -25.86 -11.83
N ASN A 211 -2.31 -27.07 -11.31
CA ASN A 211 -3.11 -27.22 -10.11
C ASN A 211 -2.31 -27.03 -8.82
N HIS A 212 -0.99 -27.22 -8.91
CA HIS A 212 -0.11 -26.87 -7.81
C HIS A 212 -0.03 -25.36 -7.60
N TYR A 213 0.38 -24.65 -8.65
CA TYR A 213 0.41 -23.19 -8.62
C TYR A 213 -0.90 -22.62 -8.07
N ILE A 214 -2.01 -23.09 -8.62
CA ILE A 214 -3.33 -22.59 -8.23
C ILE A 214 -3.62 -22.81 -6.75
N ASP A 215 -3.24 -23.98 -6.23
CA ASP A 215 -3.44 -24.28 -4.81
C ASP A 215 -2.58 -23.38 -3.93
N LEU A 216 -1.31 -23.22 -4.29
CA LEU A 216 -0.42 -22.28 -3.61
C LEU A 216 -1.01 -20.87 -3.65
N TRP A 217 -1.25 -20.36 -4.84
CA TRP A 217 -1.93 -19.09 -5.00
C TRP A 217 -3.13 -18.93 -4.06
N GLU A 218 -3.99 -19.93 -4.04
CA GLU A 218 -5.26 -19.83 -3.31
C GLU A 218 -5.03 -19.95 -1.80
N TYR A 219 -3.95 -20.62 -1.42
CA TYR A 219 -3.51 -20.61 -0.03
C TYR A 219 -3.34 -19.17 0.43
N TYR A 220 -2.58 -18.40 -0.33
CA TYR A 220 -2.30 -17.00 0.01
C TYR A 220 -3.53 -16.11 -0.12
N ALA A 221 -4.37 -16.39 -1.11
CA ALA A 221 -5.58 -15.61 -1.32
C ALA A 221 -6.54 -15.77 -0.14
N ALA A 222 -6.59 -16.98 0.42
CA ALA A 222 -7.48 -17.28 1.54
C ALA A 222 -7.07 -16.53 2.79
N ILE A 223 -5.76 -16.37 2.98
CA ILE A 223 -5.21 -15.57 4.08
C ILE A 223 -5.56 -14.09 3.92
N ALA A 224 -5.28 -13.52 2.75
CA ALA A 224 -5.63 -12.13 2.47
C ALA A 224 -7.11 -11.86 2.73
N GLU A 225 -7.96 -12.76 2.25
CA GLU A 225 -9.41 -12.62 2.38
C GLU A 225 -9.88 -12.67 3.83
N LYS A 226 -9.36 -13.61 4.61
CA LYS A 226 -9.71 -13.69 6.02
C LYS A 226 -9.31 -12.42 6.76
N ASP A 227 -8.08 -11.97 6.55
CA ASP A 227 -7.63 -10.70 7.12
C ASP A 227 -8.52 -9.53 6.68
N PHE A 228 -8.86 -9.52 5.40
CA PHE A 228 -9.83 -8.54 4.89
C PHE A 228 -11.10 -8.53 5.73
N ARG A 229 -11.70 -9.69 5.94
CA ARG A 229 -12.97 -9.79 6.65
C ARG A 229 -12.84 -9.37 8.12
N ASP A 230 -11.69 -9.63 8.72
CA ASP A 230 -11.46 -9.25 10.10
C ASP A 230 -11.34 -7.73 10.25
N VAL A 231 -10.76 -7.08 9.24
CA VAL A 231 -10.72 -5.62 9.20
C VAL A 231 -12.13 -5.04 9.09
N MET A 232 -12.92 -5.56 8.16
CA MET A 232 -14.25 -5.05 7.92
C MET A 232 -15.11 -5.13 9.20
N ASP A 233 -14.98 -6.24 9.92
CA ASP A 233 -15.70 -6.43 11.18
C ASP A 233 -15.35 -5.34 12.18
N GLN A 234 -14.19 -4.71 11.98
CA GLN A 234 -13.68 -3.73 12.93
C GLN A 234 -13.61 -2.33 12.31
N ILE A 235 -14.36 -2.12 11.24
CA ILE A 235 -14.28 -0.88 10.47
C ILE A 235 -14.56 0.33 11.35
N LYS A 236 -15.11 0.07 12.53
CA LYS A 236 -15.68 1.12 13.36
C LYS A 236 -14.61 1.89 14.14
N VAL A 237 -13.38 1.37 14.15
CA VAL A 237 -12.27 2.10 14.74
C VAL A 237 -12.00 3.40 14.00
N PHE A 238 -12.52 3.51 12.79
CA PHE A 238 -12.24 4.65 11.94
C PHE A 238 -13.36 5.67 12.02
N SER A 239 -13.04 6.93 11.74
CA SER A 239 -14.02 8.00 11.80
C SER A 239 -15.16 7.72 10.85
N ILE A 240 -16.31 8.34 11.12
CA ILE A 240 -17.55 7.93 10.47
C ILE A 240 -17.50 8.21 8.97
N GLU A 241 -16.83 9.28 8.59
CA GLU A 241 -16.68 9.63 7.18
C GLU A 241 -15.71 8.71 6.44
N ALA A 242 -14.68 8.23 7.14
CA ALA A 242 -13.67 7.37 6.53
C ALA A 242 -14.12 5.93 6.33
N GLN A 243 -15.04 5.45 7.17
CA GLN A 243 -15.46 4.05 7.11
C GLN A 243 -15.88 3.60 5.71
N PRO A 244 -16.88 4.26 5.11
CA PRO A 244 -17.33 3.88 3.77
C PRO A 244 -16.21 3.97 2.74
N ILE A 245 -15.27 4.88 2.96
CA ILE A 245 -14.18 5.09 2.02
C ILE A 245 -13.12 3.99 2.13
N ILE A 246 -12.82 3.59 3.35
CA ILE A 246 -11.85 2.53 3.59
C ILE A 246 -12.40 1.19 3.16
N GLU A 247 -13.71 1.02 3.33
CA GLU A 247 -14.40 -0.18 2.82
C GLU A 247 -14.39 -0.22 1.30
N LEU A 248 -14.59 0.94 0.69
CA LEU A 248 -14.47 1.04 -0.76
C LEU A 248 -13.08 0.64 -1.23
N ALA A 249 -12.06 1.30 -0.69
CA ALA A 249 -10.67 1.02 -1.08
C ALA A 249 -10.31 -0.46 -0.92
N ALA A 250 -10.68 -1.04 0.21
CA ALA A 250 -10.41 -2.45 0.46
C ALA A 250 -11.18 -3.35 -0.50
N ARG A 251 -12.46 -3.03 -0.71
CA ARG A 251 -13.32 -3.88 -1.53
C ARG A 251 -12.88 -3.84 -2.99
N ILE A 252 -12.52 -2.65 -3.45
CA ILE A 252 -12.01 -2.49 -4.80
C ILE A 252 -10.72 -3.26 -5.00
N TYR A 253 -9.92 -3.36 -3.95
CA TYR A 253 -8.62 -4.03 -4.05
C TYR A 253 -8.75 -5.56 -3.98
N ILE A 254 -9.63 -6.03 -3.09
CA ILE A 254 -9.86 -7.47 -2.96
C ILE A 254 -10.54 -8.06 -4.19
N GLU A 255 -11.40 -7.27 -4.82
CA GLU A 255 -11.94 -7.61 -6.13
C GLU A 255 -10.84 -8.01 -7.12
N ILE A 256 -9.63 -7.47 -6.93
CA ILE A 256 -8.51 -7.84 -7.77
C ILE A 256 -8.28 -9.36 -7.80
N LEU A 257 -8.64 -10.03 -6.72
CA LEU A 257 -8.49 -11.48 -6.65
C LEU A 257 -9.42 -12.20 -7.61
N ASP A 258 -10.66 -11.74 -7.68
CA ASP A 258 -11.60 -12.30 -8.63
C ASP A 258 -11.16 -12.08 -10.08
N GLU A 259 -10.59 -10.91 -10.34
CA GLU A 259 -9.99 -10.62 -11.64
C GLU A 259 -8.86 -11.58 -12.01
N VAL A 260 -8.00 -11.91 -11.05
CA VAL A 260 -6.93 -12.86 -11.33
C VAL A 260 -7.47 -14.24 -11.70
N ARG A 261 -8.47 -14.69 -10.97
CA ARG A 261 -9.08 -16.01 -11.21
C ARG A 261 -9.74 -16.06 -12.58
N GLN A 262 -10.47 -15.00 -12.92
CA GLN A 262 -11.16 -14.91 -14.20
C GLN A 262 -10.19 -14.89 -15.38
N ALA A 263 -8.99 -14.37 -15.16
CA ALA A 263 -7.94 -14.43 -16.17
C ALA A 263 -7.12 -15.71 -16.08
N ASN A 264 -7.59 -16.67 -15.28
CA ASN A 264 -6.90 -17.95 -15.10
C ASN A 264 -5.47 -17.78 -14.61
N TYR A 265 -5.28 -16.88 -13.65
CA TYR A 265 -4.05 -16.82 -12.89
C TYR A 265 -2.88 -16.48 -13.78
N THR A 266 -3.15 -15.76 -14.87
CA THR A 266 -2.13 -15.48 -15.87
C THR A 266 -0.90 -14.81 -15.25
N LEU A 267 0.28 -15.17 -15.75
CA LEU A 267 1.53 -14.55 -15.33
C LEU A 267 2.09 -13.58 -16.37
N HIS A 268 1.27 -13.25 -17.36
CA HIS A 268 1.74 -12.41 -18.48
C HIS A 268 0.85 -11.20 -18.71
N GLU A 269 -0.08 -10.94 -17.78
CA GLU A 269 -0.77 -9.66 -17.72
C GLU A 269 -0.90 -9.16 -16.29
N ARG A 270 -0.94 -7.83 -16.13
CA ARG A 270 -1.57 -7.22 -14.97
C ARG A 270 -3.08 -7.10 -15.15
N VAL A 271 -3.84 -7.86 -14.37
CA VAL A 271 -5.29 -7.71 -14.34
C VAL A 271 -5.73 -6.46 -13.59
N PHE A 272 -7.00 -6.07 -13.77
CA PHE A 272 -7.48 -4.80 -13.24
C PHE A 272 -9.00 -4.82 -12.99
N VAL A 273 -9.43 -4.01 -12.06
CA VAL A 273 -10.83 -3.77 -11.81
C VAL A 273 -11.23 -2.55 -12.62
N GLU A 274 -12.07 -2.75 -13.59
CA GLU A 274 -12.59 -1.70 -14.41
C GLU A 274 -13.14 -0.56 -13.61
N LYS A 275 -13.04 0.62 -14.14
CA LYS A 275 -13.63 1.76 -13.50
C LYS A 275 -15.12 1.64 -13.29
N ARG A 276 -15.82 1.07 -14.24
CA ARG A 276 -17.26 0.85 -14.09
C ARG A 276 -17.57 -0.10 -12.93
N LYS A 277 -16.65 -1.00 -12.64
CA LYS A 277 -16.78 -1.92 -11.50
C LYS A 277 -16.51 -1.21 -10.18
N LYS A 278 -15.50 -0.35 -10.16
CA LYS A 278 -15.25 0.50 -9.00
C LYS A 278 -16.52 1.24 -8.59
N ALA A 279 -17.22 1.78 -9.59
CA ALA A 279 -18.44 2.56 -9.33
C ALA A 279 -19.57 1.68 -8.83
N LYS A 280 -19.65 0.46 -9.35
CA LYS A 280 -20.61 -0.52 -8.85
C LYS A 280 -20.42 -0.77 -7.35
N LEU A 281 -19.17 -1.04 -6.97
CA LEU A 281 -18.85 -1.26 -5.55
C LEU A 281 -19.13 -0.03 -4.70
N PHE A 282 -18.78 1.15 -5.21
CA PHE A 282 -19.18 2.38 -4.55
C PHE A 282 -20.68 2.38 -4.25
N HIS A 283 -21.48 2.04 -5.26
CA HIS A 283 -22.94 1.99 -5.09
C HIS A 283 -23.36 1.05 -3.97
N GLU A 284 -22.89 -0.19 -4.02
CA GLU A 284 -23.21 -1.20 -3.01
C GLU A 284 -22.91 -0.71 -1.61
N ILE A 285 -21.73 -0.10 -1.44
CA ILE A 285 -21.29 0.37 -0.13
C ILE A 285 -22.04 1.63 0.27
N ASN A 286 -21.98 2.65 -0.58
CA ASN A 286 -22.63 3.93 -0.32
C ASN A 286 -24.10 3.76 0.06
N SER A 287 -24.68 2.62 -0.32
CA SER A 287 -26.08 2.34 -0.04
C SER A 287 -26.28 1.75 1.36
N LYS A 288 -25.34 0.92 1.79
CA LYS A 288 -25.36 0.37 3.14
C LYS A 288 -25.23 1.46 4.20
N TYR A 289 -24.63 2.59 3.82
CA TYR A 289 -24.41 3.71 4.74
C TYR A 289 -25.46 4.80 4.56
OAA ZYM B . 2.08 -1.54 -7.89
OAB ZYM B . 4.54 -2.34 -3.70
OAC ZYM B . 3.45 -3.21 -8.03
OAD ZYM B . 4.31 -3.17 -5.83
CAE ZYM B . 3.15 -1.31 -5.09
CAF ZYM B . -2.84 5.53 0.30
CAG ZYM B . -1.67 6.01 0.83
CAH ZYM B . -2.87 4.28 -0.25
CAI ZYM B . 3.02 4.09 -2.23
CAJ ZYM B . 4.03 3.22 -1.90
CAK ZYM B . -0.52 5.26 0.79
CAL ZYM B . -1.72 3.53 -0.26
CAM ZYM B . 1.84 4.10 -1.54
CAN ZYM B . 2.69 2.35 -0.15
CAO ZYM B . 5.15 0.37 -1.59
CAP ZYM B . 4.11 -0.73 -1.55
CAQ ZYM B . 4.99 1.42 -0.51
NAR ZYM B . 3.49 -0.65 -2.87
OAS ZYM B . 0.54 3.18 0.24
CAT ZYM B . 2.96 -2.28 -7.41
CAU ZYM B . 3.75 -1.46 -3.89
CAV ZYM B . 3.46 -2.20 -6.06
CAW ZYM B . 3.86 2.35 -0.84
CAX ZYM B . -0.54 4.00 0.24
CAY ZYM B . 1.68 3.23 -0.48
O1 SRT C . -2.08 1.65 -11.70
O11 SRT C . -1.51 -0.33 -12.48
C1 SRT C . -2.09 0.39 -11.63
C2 SRT C . -2.83 -0.28 -10.51
O2 SRT C . -2.02 -0.33 -9.34
C3 SRT C . -4.09 0.53 -10.20
O3 SRT C . -5.14 0.13 -11.09
C4 SRT C . -4.51 0.29 -8.78
O4 SRT C . -3.64 0.17 -7.90
O41 SRT C . -5.74 0.28 -8.54
CAA FJP D . -5.27 2.02 6.32
CAB FJP D . -6.80 2.68 4.45
CAC FJP D . -3.79 1.36 1.90
CAD FJP D . 1.33 -0.16 -1.05
OAE FJP D . -0.93 0.81 -5.73
OAF FJP D . -0.67 2.50 -3.91
OAG FJP D . 1.14 2.29 -5.56
CAH FJP D . -4.75 1.44 3.98
CAI FJP D . -1.77 0.35 1.40
CAJ FJP D . -0.53 -1.06 -2.36
CAK FJP D . -3.52 0.76 4.48
CAL FJP D . -0.44 -0.25 1.28
CAM FJP D . 0.14 -0.76 -3.69
CAN FJP D . -2.20 1.07 3.78
CAO FJP D . -0.74 -1.13 0.09
OAP FJP D . 0.63 0.55 -3.87
CAQ FJP D . -5.55 2.01 4.87
CAR FJP D . -2.49 0.89 2.35
CAS FJP D . -0.01 -0.78 -1.16
PAT FJP D . 0.00 1.62 -4.88
MG MG E . -0.60 -0.93 -6.99
MG MG F . 3.61 -5.36 -6.89
#